data_8YSK
#
_entry.id   8YSK
#
_cell.length_a   35.274
_cell.length_b   46.091
_cell.length_c   59.889
_cell.angle_alpha   101.137
_cell.angle_beta   106.903
_cell.angle_gamma   95.429
#
_symmetry.space_group_name_H-M   'P 1'
#
loop_
_entity.id
_entity.type
_entity.pdbx_description
1 polymer Nucleotidyltransferase
2 non-polymer "URIDINE 5'-TRIPHOSPHATE"
3 non-polymer 'MANGANESE (II) ION'
4 water water
#
_entity_poly.entity_id   1
_entity_poly.type   'polypeptide(L)'
_entity_poly.pdbx_seq_one_letter_code
;MAPVQKQFREFHDRIKLAQYDENQTLRDERDAVLTAVREGLKKVFADRGEAAPTFTPFNQGSYAMNTGVKPLEGGEYDID
VGIILNIAKDDHDPVEVKKWIRDALKDYGNGAEIRRSCVTVFKPGYHVDLAVYADPELSGGTLCIAKGKENSGDEHRLWQ
ISDPQGFQDRIASKLSGDDAAQFRRCIRYLKRWRDFRFSSDGNAAPLGIGLTAAAYWWFQVSKRTDPVSQNVTYDDRDAL
EQFVQTMLDNFHDTWDSKDQRSYPRLTVELPVQPYNDVFEKMTGMQMESFKSKLQALLNALKTAKSRLELHDACKALADH
FGSEFPVPEKDKSAVHTAPAIVGSGSSG
;
_entity_poly.pdbx_strand_id   A
#
# COMPACT_ATOMS: atom_id res chain seq x y z
N MET A 1 14.25 -24.76 14.06
CA MET A 1 13.50 -23.77 13.17
C MET A 1 12.06 -24.23 13.02
N ALA A 2 11.11 -23.29 13.03
CA ALA A 2 9.65 -23.53 12.87
C ALA A 2 9.38 -24.26 11.56
N PRO A 3 8.34 -25.13 11.49
CA PRO A 3 7.98 -25.77 10.23
C PRO A 3 7.66 -24.71 9.15
N VAL A 4 8.12 -24.97 7.91
CA VAL A 4 7.92 -24.15 6.65
C VAL A 4 8.64 -22.80 6.74
N GLN A 5 9.39 -22.50 7.80
CA GLN A 5 10.07 -21.18 7.94
C GLN A 5 11.03 -21.00 6.76
N LYS A 6 11.80 -22.02 6.40
CA LYS A 6 12.79 -21.88 5.30
C LYS A 6 12.06 -21.45 4.02
N GLN A 7 10.92 -22.08 3.70
CA GLN A 7 10.17 -21.83 2.44
C GLN A 7 9.52 -20.45 2.49
N PHE A 8 9.04 -19.99 3.65
CA PHE A 8 8.56 -18.61 3.80
C PHE A 8 9.69 -17.64 3.47
N ARG A 9 10.90 -17.87 3.98
CA ARG A 9 12.00 -16.90 3.79
C ARG A 9 12.40 -16.91 2.31
N GLU A 10 12.39 -18.07 1.68
CA GLU A 10 12.69 -18.22 0.25
C GLU A 10 11.63 -17.49 -0.57
N PHE A 11 10.35 -17.63 -0.21
CA PHE A 11 9.22 -16.92 -0.86
C PHE A 11 9.44 -15.42 -0.70
N HIS A 12 9.74 -14.96 0.52
CA HIS A 12 10.04 -13.54 0.80
C HIS A 12 11.17 -13.03 -0.09
N ASP A 13 12.28 -13.76 -0.25
CA ASP A 13 13.43 -13.36 -1.11
C ASP A 13 12.96 -13.14 -2.55
N ARG A 14 11.99 -13.92 -3.02
CA ARG A 14 11.52 -13.90 -4.43
C ARG A 14 10.51 -12.78 -4.68
N ILE A 15 9.78 -12.31 -3.67
CA ILE A 15 8.66 -11.34 -3.86
C ILE A 15 9.13 -9.95 -3.47
N LYS A 16 10.17 -9.82 -2.65
CA LYS A 16 10.58 -8.51 -2.11
C LYS A 16 11.10 -7.64 -3.25
N LEU A 17 10.79 -6.36 -3.20
CA LEU A 17 11.36 -5.35 -4.09
C LEU A 17 12.12 -4.35 -3.24
N ALA A 18 13.39 -4.07 -3.58
CA ALA A 18 14.27 -3.18 -2.80
C ALA A 18 13.66 -1.76 -2.79
N GLN A 19 13.62 -1.17 -1.60
CA GLN A 19 13.03 0.17 -1.30
C GLN A 19 13.83 1.26 -2.03
N TYR A 20 13.30 2.49 -2.06
CA TYR A 20 13.86 3.65 -2.79
C TYR A 20 15.37 3.72 -2.53
N ASP A 21 15.79 3.74 -1.26
CA ASP A 21 17.21 4.02 -0.91
C ASP A 21 18.11 2.85 -1.30
N GLU A 22 17.57 1.73 -1.80
CA GLU A 22 18.40 0.59 -2.27
C GLU A 22 18.07 0.23 -3.71
N ASN A 23 17.45 1.11 -4.49
CA ASN A 23 16.90 0.74 -5.82
C ASN A 23 17.06 1.93 -6.78
N GLN A 24 18.23 2.01 -7.41
CA GLN A 24 18.61 3.05 -8.39
C GLN A 24 17.51 3.22 -9.44
N THR A 25 17.00 2.11 -9.99
CA THR A 25 16.01 2.10 -11.08
C THR A 25 14.77 2.88 -10.65
N LEU A 26 14.28 2.62 -9.44
CA LEU A 26 13.09 3.29 -8.87
C LEU A 26 13.43 4.76 -8.63
N ARG A 27 14.60 5.07 -8.06
CA ARG A 27 15.02 6.49 -7.83
C ARG A 27 15.01 7.26 -9.16
N ASP A 28 15.57 6.69 -10.23
CA ASP A 28 15.64 7.31 -11.58
C ASP A 28 14.22 7.52 -12.12
N GLU A 29 13.38 6.49 -12.08
CA GLU A 29 12.01 6.60 -12.64
C GLU A 29 11.27 7.72 -11.90
N ARG A 30 11.50 7.86 -10.60
CA ARG A 30 10.87 8.90 -9.72
C ARG A 30 11.34 10.29 -10.19
N ASP A 31 12.67 10.46 -10.25
CA ASP A 31 13.35 11.76 -10.51
C ASP A 31 12.99 12.26 -11.91
N ALA A 32 12.97 11.36 -12.90
CA ALA A 32 12.48 11.63 -14.26
C ALA A 32 11.13 12.35 -14.20
N VAL A 33 10.15 11.80 -13.46
CA VAL A 33 8.78 12.38 -13.35
C VAL A 33 8.86 13.70 -12.58
N LEU A 34 9.75 13.80 -11.58
CA LEU A 34 9.87 15.04 -10.76
C LEU A 34 10.43 16.17 -11.63
N THR A 35 11.51 15.86 -12.37
CA THR A 35 12.12 16.74 -13.39
C THR A 35 11.04 17.23 -14.36
N ALA A 36 10.21 16.32 -14.90
CA ALA A 36 9.20 16.64 -15.95
C ALA A 36 8.13 17.56 -15.37
N VAL A 37 7.77 17.37 -14.10
CA VAL A 37 6.87 18.30 -13.33
C VAL A 37 7.51 19.69 -13.32
N ARG A 38 8.80 19.82 -12.98
CA ARG A 38 9.52 21.13 -12.94
C ARG A 38 9.48 21.81 -14.31
N GLU A 39 9.93 21.12 -15.37
CA GLU A 39 9.91 21.65 -16.76
C GLU A 39 8.48 22.07 -17.15
N GLY A 40 7.51 21.23 -16.82
CA GLY A 40 6.09 21.36 -17.22
C GLY A 40 5.42 22.54 -16.54
N LEU A 41 5.70 22.76 -15.26
CA LEU A 41 5.14 23.89 -14.47
C LEU A 41 5.60 25.23 -15.08
N LYS A 42 6.85 25.31 -15.57
CA LYS A 42 7.41 26.50 -16.28
C LYS A 42 6.43 26.96 -17.37
N LYS A 43 5.96 26.02 -18.20
CA LYS A 43 5.11 26.32 -19.38
C LYS A 43 3.73 26.73 -18.88
N VAL A 44 3.19 25.97 -17.93
CA VAL A 44 1.86 26.22 -17.32
C VAL A 44 1.83 27.65 -16.73
N PHE A 45 2.95 28.12 -16.17
CA PHE A 45 3.03 29.41 -15.41
C PHE A 45 3.53 30.56 -16.30
N ALA A 46 4.09 30.26 -17.47
CA ALA A 46 4.41 31.25 -18.52
C ALA A 46 3.12 31.99 -18.93
N ASP A 47 1.99 31.26 -18.95
CA ASP A 47 0.66 31.75 -19.37
C ASP A 47 0.01 32.59 -18.24
N ARG A 48 0.57 32.53 -17.03
CA ARG A 48 0.01 33.23 -15.84
C ARG A 48 0.94 34.39 -15.44
N GLY A 49 2.12 34.49 -16.05
CA GLY A 49 2.99 35.69 -16.05
C GLY A 49 3.89 35.76 -14.82
N GLU A 50 4.29 34.61 -14.29
CA GLU A 50 5.15 34.54 -13.09
C GLU A 50 5.86 33.19 -13.07
N ALA A 51 6.88 33.08 -12.23
CA ALA A 51 7.60 31.81 -11.96
C ALA A 51 6.59 30.77 -11.46
N ALA A 52 6.71 29.54 -11.93
CA ALA A 52 6.07 28.36 -11.31
C ALA A 52 6.46 28.33 -9.84
N PRO A 53 5.58 27.88 -8.93
CA PRO A 53 5.97 27.63 -7.55
C PRO A 53 6.94 26.44 -7.53
N THR A 54 7.87 26.49 -6.59
CA THR A 54 8.76 25.37 -6.22
C THR A 54 7.97 24.33 -5.42
N PHE A 55 8.48 23.12 -5.28
CA PHE A 55 7.87 22.06 -4.44
C PHE A 55 8.99 21.26 -3.80
N THR A 56 8.70 20.69 -2.63
CA THR A 56 9.58 19.70 -1.95
C THR A 56 8.99 18.33 -2.21
N PRO A 57 9.73 17.41 -2.89
CA PRO A 57 9.27 16.04 -3.04
C PRO A 57 9.66 15.21 -1.80
N PHE A 58 8.90 14.15 -1.48
CA PHE A 58 9.28 13.16 -0.44
C PHE A 58 8.74 11.80 -0.86
N ASN A 59 9.45 10.75 -0.47
CA ASN A 59 9.09 9.34 -0.78
C ASN A 59 7.81 8.96 -0.06
N GLN A 60 6.93 8.25 -0.73
CA GLN A 60 5.68 7.74 -0.14
C GLN A 60 5.53 6.26 -0.47
N GLY A 61 4.59 5.62 0.22
CA GLY A 61 4.10 4.26 -0.08
C GLY A 61 5.12 3.20 0.23
N SER A 62 4.92 2.03 -0.36
CA SER A 62 5.64 0.81 0.03
C SER A 62 7.14 0.99 -0.23
N TYR A 63 7.53 1.73 -1.28
CA TYR A 63 8.96 1.83 -1.68
C TYR A 63 9.67 2.76 -0.71
N ALA A 64 8.91 3.55 0.06
CA ALA A 64 9.45 4.41 1.15
C ALA A 64 9.52 3.63 2.46
N MET A 65 8.58 2.74 2.70
CA MET A 65 8.39 2.02 3.99
C MET A 65 9.10 0.65 3.96
N ASN A 66 9.69 0.28 2.82
CA ASN A 66 10.39 -1.02 2.65
C ASN A 66 9.40 -2.17 2.85
N THR A 67 8.22 -2.07 2.24
CA THR A 67 7.17 -3.12 2.21
C THR A 67 6.81 -3.44 0.77
N GLY A 68 7.69 -3.13 -0.19
CA GLY A 68 7.39 -3.25 -1.62
C GLY A 68 7.53 -4.67 -2.10
N VAL A 69 6.68 -5.07 -3.03
CA VAL A 69 6.71 -6.41 -3.70
C VAL A 69 6.90 -6.21 -5.20
N LYS A 70 7.57 -7.16 -5.84
CA LYS A 70 7.63 -7.22 -7.32
C LYS A 70 6.21 -7.45 -7.81
N PRO A 71 5.77 -6.77 -8.88
CA PRO A 71 4.49 -7.08 -9.49
C PRO A 71 4.59 -8.47 -10.15
N LEU A 72 3.46 -9.14 -10.28
CA LEU A 72 3.32 -10.35 -11.11
C LEU A 72 3.59 -9.96 -12.57
N GLU A 73 3.88 -10.93 -13.42
CA GLU A 73 4.10 -10.71 -14.88
C GLU A 73 2.88 -9.97 -15.44
N GLY A 74 3.11 -8.85 -16.13
CA GLY A 74 2.03 -8.06 -16.75
C GLY A 74 1.46 -7.01 -15.80
N GLY A 75 1.88 -7.01 -14.52
CA GLY A 75 1.54 -5.95 -13.55
C GLY A 75 2.50 -4.77 -13.64
N GLU A 76 2.21 -3.70 -12.91
CA GLU A 76 2.98 -2.43 -12.93
C GLU A 76 3.58 -2.16 -11.55
N TYR A 77 4.78 -1.57 -11.53
CA TYR A 77 5.38 -0.82 -10.39
C TYR A 77 4.52 0.39 -10.07
N ASP A 78 4.43 0.69 -8.78
CA ASP A 78 3.62 1.80 -8.25
C ASP A 78 4.56 2.70 -7.47
N ILE A 79 5.06 3.74 -8.12
CA ILE A 79 5.98 4.72 -7.49
C ILE A 79 5.14 5.81 -6.83
N ASP A 80 5.12 5.83 -5.52
CA ASP A 80 4.33 6.81 -4.74
C ASP A 80 5.28 7.91 -4.33
N VAL A 81 4.89 9.16 -4.56
CA VAL A 81 5.72 10.34 -4.20
C VAL A 81 4.77 11.46 -3.80
N GLY A 82 5.18 12.27 -2.82
CA GLY A 82 4.46 13.49 -2.40
C GLY A 82 5.21 14.71 -2.84
N ILE A 83 4.53 15.73 -3.36
CA ILE A 83 5.13 17.04 -3.65
C ILE A 83 4.37 18.10 -2.86
N ILE A 84 5.08 18.82 -2.01
CA ILE A 84 4.51 19.95 -1.24
C ILE A 84 4.76 21.23 -2.02
N LEU A 85 3.74 21.76 -2.68
CA LEU A 85 3.86 23.03 -3.47
C LEU A 85 4.00 24.19 -2.49
N ASN A 86 4.80 25.17 -2.87
CA ASN A 86 5.06 26.42 -2.10
C ASN A 86 3.84 27.35 -2.28
N ILE A 87 2.63 26.92 -1.85
CA ILE A 87 1.37 27.68 -2.06
C ILE A 87 0.53 27.63 -0.77
N ALA A 88 -0.32 28.65 -0.58
CA ALA A 88 -1.33 28.74 0.50
C ALA A 88 -2.58 28.03 0.01
N LYS A 89 -3.09 27.08 0.78
CA LYS A 89 -4.24 26.24 0.34
C LYS A 89 -5.47 27.14 0.11
N ASP A 90 -5.69 28.12 0.98
CA ASP A 90 -6.88 29.02 0.89
C ASP A 90 -6.87 29.85 -0.40
N ASP A 91 -5.74 29.98 -1.08
CA ASP A 91 -5.61 30.84 -2.29
C ASP A 91 -5.95 30.06 -3.56
N HIS A 92 -6.07 28.73 -3.49
CA HIS A 92 -6.16 27.89 -4.70
C HIS A 92 -7.18 26.76 -4.50
N ASP A 93 -7.68 26.26 -5.62
CA ASP A 93 -8.64 25.13 -5.62
C ASP A 93 -7.81 23.86 -5.70
N PRO A 94 -8.16 22.81 -4.92
CA PRO A 94 -7.37 21.58 -4.90
C PRO A 94 -7.24 21.03 -6.34
N VAL A 95 -8.37 21.00 -7.05
CA VAL A 95 -8.41 20.43 -8.44
C VAL A 95 -7.58 21.32 -9.36
N GLU A 96 -7.73 22.65 -9.26
CA GLU A 96 -6.88 23.68 -9.96
C GLU A 96 -5.40 23.28 -9.84
N VAL A 97 -4.96 23.01 -8.62
CA VAL A 97 -3.53 22.76 -8.30
C VAL A 97 -3.12 21.42 -8.93
N LYS A 98 -3.94 20.39 -8.80
CA LYS A 98 -3.65 19.07 -9.43
C LYS A 98 -3.64 19.22 -10.95
N LYS A 99 -4.45 20.14 -11.50
CA LYS A 99 -4.50 20.35 -12.96
C LYS A 99 -3.15 20.91 -13.45
N TRP A 100 -2.54 21.81 -12.68
CA TRP A 100 -1.17 22.33 -12.96
C TRP A 100 -0.26 21.13 -13.22
N ILE A 101 -0.25 20.19 -12.29
CA ILE A 101 0.65 19.00 -12.33
C ILE A 101 0.25 18.13 -13.53
N ARG A 102 -1.05 17.89 -13.72
CA ARG A 102 -1.58 17.07 -14.84
C ARG A 102 -1.09 17.66 -16.16
N ASP A 103 -1.25 18.98 -16.34
CA ASP A 103 -0.94 19.70 -17.60
C ASP A 103 0.58 19.76 -17.76
N ALA A 104 1.32 19.88 -16.65
CA ALA A 104 2.79 19.80 -16.63
C ALA A 104 3.24 18.47 -17.23
N LEU A 105 2.45 17.41 -17.07
CA LEU A 105 2.86 16.02 -17.43
C LEU A 105 2.00 15.48 -18.58
N LYS A 106 1.38 16.37 -19.37
CA LYS A 106 0.39 15.99 -20.42
C LYS A 106 1.08 15.12 -21.49
N ASP A 107 2.32 15.48 -21.87
CA ASP A 107 3.08 14.90 -23.01
C ASP A 107 4.15 13.92 -22.49
N TYR A 108 4.07 13.57 -21.20
CA TYR A 108 5.03 12.64 -20.55
C TYR A 108 4.49 11.20 -20.65
N GLY A 109 5.35 10.26 -21.03
CA GLY A 109 4.99 8.85 -21.26
C GLY A 109 3.64 8.69 -21.93
N ASN A 110 2.77 7.84 -21.36
CA ASN A 110 1.43 7.50 -21.92
C ASN A 110 0.38 8.50 -21.40
N GLY A 111 0.81 9.62 -20.82
CA GLY A 111 -0.08 10.72 -20.38
C GLY A 111 -0.27 10.74 -18.86
N ALA A 112 -1.25 11.52 -18.38
CA ALA A 112 -1.46 11.83 -16.95
C ALA A 112 -2.94 12.13 -16.68
N GLU A 113 -3.34 12.05 -15.41
CA GLU A 113 -4.76 11.88 -14.99
C GLU A 113 -4.94 12.44 -13.57
N ILE A 114 -5.89 13.34 -13.38
CA ILE A 114 -6.31 13.79 -12.02
C ILE A 114 -7.16 12.70 -11.39
N ARG A 115 -6.70 12.16 -10.25
CA ARG A 115 -7.43 11.16 -9.47
C ARG A 115 -7.94 11.82 -8.19
N ARG A 116 -8.85 11.18 -7.48
CA ARG A 116 -9.41 11.71 -6.21
C ARG A 116 -8.25 12.17 -5.32
N SER A 117 -7.17 11.38 -5.18
CA SER A 117 -6.13 11.57 -4.14
C SER A 117 -4.77 11.94 -4.74
N CYS A 118 -4.64 11.88 -6.05
CA CYS A 118 -3.32 12.12 -6.69
C CYS A 118 -3.49 12.46 -8.17
N VAL A 119 -2.39 12.84 -8.78
CA VAL A 119 -2.20 12.87 -10.26
C VAL A 119 -1.34 11.66 -10.57
N THR A 120 -1.84 10.73 -11.36
CA THR A 120 -1.07 9.56 -11.85
C THR A 120 -0.52 9.87 -13.24
N VAL A 121 0.75 9.55 -13.46
CA VAL A 121 1.40 9.54 -14.81
C VAL A 121 1.72 8.08 -15.15
N PHE A 122 1.46 7.69 -16.40
CA PHE A 122 1.61 6.29 -16.90
C PHE A 122 2.85 6.18 -17.78
N LYS A 123 3.65 5.15 -17.54
CA LYS A 123 4.80 4.73 -18.38
C LYS A 123 4.63 3.26 -18.68
N PRO A 124 5.34 2.73 -19.70
CA PRO A 124 5.41 1.28 -19.90
C PRO A 124 5.99 0.59 -18.65
N GLY A 125 5.13 -0.18 -17.97
CA GLY A 125 5.54 -1.09 -16.87
C GLY A 125 5.33 -0.47 -15.49
N TYR A 126 5.00 0.83 -15.38
CA TYR A 126 4.79 1.49 -14.06
C TYR A 126 3.94 2.75 -14.17
N HIS A 127 3.34 3.13 -13.03
CA HIS A 127 2.71 4.45 -12.83
C HIS A 127 3.39 5.17 -11.67
N VAL A 128 3.44 6.49 -11.73
CA VAL A 128 3.82 7.37 -10.59
C VAL A 128 2.57 8.09 -10.10
N ASP A 129 2.25 7.89 -8.82
CA ASP A 129 1.16 8.55 -8.10
C ASP A 129 1.79 9.72 -7.32
N LEU A 130 1.55 10.94 -7.78
CA LEU A 130 1.96 12.21 -7.11
C LEU A 130 0.80 12.70 -6.24
N ALA A 131 0.95 12.55 -4.94
CA ALA A 131 0.07 13.20 -3.96
C ALA A 131 0.50 14.65 -3.89
N VAL A 132 -0.46 15.57 -3.99
CA VAL A 132 -0.18 17.02 -4.12
C VAL A 132 -0.68 17.71 -2.86
N TYR A 133 0.23 18.44 -2.19
CA TYR A 133 -0.03 19.12 -0.91
C TYR A 133 0.31 20.61 -1.05
N ALA A 134 -0.34 21.43 -0.22
CA ALA A 134 -0.05 22.87 -0.04
C ALA A 134 1.01 23.02 1.03
N ASP A 135 1.68 24.17 1.10
CA ASP A 135 2.76 24.41 2.09
C ASP A 135 2.15 24.61 3.47
N PRO A 136 2.48 23.79 4.48
CA PRO A 136 1.94 24.01 5.81
C PRO A 136 2.22 25.43 6.33
N GLU A 137 3.39 25.99 5.99
CA GLU A 137 3.87 27.31 6.48
C GLU A 137 2.99 28.43 5.92
N LEU A 138 2.25 28.17 4.84
CA LEU A 138 1.34 29.15 4.21
C LEU A 138 -0.12 28.74 4.41
N SER A 139 -0.38 27.63 5.13
CA SER A 139 -1.73 27.03 5.23
C SER A 139 -2.10 26.79 6.70
N GLY A 140 -1.50 27.54 7.63
CA GLY A 140 -1.89 27.52 9.05
C GLY A 140 -1.34 26.31 9.81
N GLY A 141 -0.24 25.72 9.36
CA GLY A 141 0.54 24.72 10.11
C GLY A 141 0.12 23.28 9.79
N THR A 142 -0.90 23.10 8.96
CA THR A 142 -1.45 21.76 8.60
C THR A 142 -0.94 21.40 7.20
N LEU A 143 -0.54 20.15 7.00
CA LEU A 143 -0.25 19.60 5.65
C LEU A 143 -1.54 19.04 5.06
N CYS A 144 -2.01 19.65 3.98
CA CYS A 144 -3.30 19.28 3.36
C CYS A 144 -3.04 18.74 1.98
N ILE A 145 -3.65 17.59 1.67
CA ILE A 145 -3.58 16.97 0.32
C ILE A 145 -4.76 17.49 -0.52
N ALA A 146 -4.57 17.59 -1.82
CA ALA A 146 -5.57 18.11 -2.79
C ALA A 146 -6.50 16.96 -3.21
N LYS A 147 -7.74 16.93 -2.70
CA LYS A 147 -8.74 15.86 -2.96
C LYS A 147 -9.80 16.41 -3.92
N GLY A 148 -10.32 15.53 -4.81
CA GLY A 148 -11.35 15.86 -5.81
C GLY A 148 -10.83 15.73 -7.24
N LYS A 149 -11.75 15.46 -8.18
CA LYS A 149 -11.58 15.57 -9.65
C LYS A 149 -12.58 16.62 -10.16
N GLU A 150 -12.58 16.94 -11.44
CA GLU A 150 -13.58 17.91 -11.98
C GLU A 150 -15.00 17.35 -11.71
N ASN A 151 -15.19 16.05 -11.92
CA ASN A 151 -16.51 15.39 -11.82
C ASN A 151 -17.02 15.40 -10.36
N SER A 152 -16.18 15.74 -9.38
CA SER A 152 -16.52 15.71 -7.93
C SER A 152 -17.60 16.75 -7.61
N GLY A 153 -18.51 16.41 -6.68
CA GLY A 153 -19.73 17.19 -6.35
C GLY A 153 -19.44 18.47 -5.59
N ASP A 154 -18.15 18.76 -5.30
CA ASP A 154 -17.68 19.98 -4.57
C ASP A 154 -17.71 19.72 -3.06
N GLU A 155 -18.36 18.64 -2.63
CA GLU A 155 -18.32 18.08 -1.25
C GLU A 155 -17.10 17.14 -1.14
N HIS A 156 -16.72 16.50 -2.26
CA HIS A 156 -15.58 15.55 -2.36
C HIS A 156 -14.36 16.25 -2.96
N ARG A 157 -14.45 17.58 -3.13
CA ARG A 157 -13.34 18.46 -3.56
C ARG A 157 -12.90 19.32 -2.38
N LEU A 158 -11.70 19.13 -1.85
CA LEU A 158 -11.23 19.85 -0.64
C LEU A 158 -9.73 19.68 -0.42
N TRP A 159 -9.19 20.49 0.48
CA TRP A 159 -7.85 20.35 1.06
C TRP A 159 -8.01 19.56 2.35
N GLN A 160 -7.64 18.30 2.35
CA GLN A 160 -7.88 17.42 3.51
C GLN A 160 -6.60 17.33 4.32
N ILE A 161 -6.73 17.45 5.64
CA ILE A 161 -5.65 17.21 6.64
C ILE A 161 -5.09 15.81 6.38
N SER A 162 -3.78 15.70 6.37
CA SER A 162 -3.05 14.51 5.87
C SER A 162 -1.76 14.35 6.69
N ASP A 163 -1.26 13.13 6.85
CA ASP A 163 -0.06 12.90 7.68
C ASP A 163 0.72 11.71 7.15
N PRO A 164 1.18 11.76 5.88
CA PRO A 164 1.86 10.63 5.25
C PRO A 164 3.17 10.28 5.97
N GLN A 165 3.91 11.27 6.44
CA GLN A 165 5.20 10.98 7.13
C GLN A 165 4.91 10.42 8.53
N GLY A 166 3.84 10.87 9.20
CA GLY A 166 3.37 10.28 10.47
C GLY A 166 3.02 8.81 10.27
N PHE A 167 2.32 8.49 9.19
CA PHE A 167 1.95 7.09 8.88
C PHE A 167 3.23 6.28 8.68
N GLN A 168 4.15 6.81 7.88
CA GLN A 168 5.41 6.12 7.51
C GLN A 168 6.22 5.89 8.79
N ASP A 169 6.27 6.90 9.65
CA ASP A 169 6.96 6.83 10.97
C ASP A 169 6.31 5.72 11.81
N ARG A 170 4.97 5.63 11.80
CA ARG A 170 4.22 4.63 12.61
C ARG A 170 4.57 3.22 12.11
N ILE A 171 4.65 3.02 10.80
CA ILE A 171 5.00 1.68 10.26
C ILE A 171 6.47 1.36 10.61
N ALA A 172 7.40 2.32 10.48
CA ALA A 172 8.85 2.13 10.80
C ALA A 172 9.02 1.81 12.28
N SER A 173 8.21 2.41 13.15
CA SER A 173 8.53 2.52 14.60
C SER A 173 7.78 1.48 15.44
N LYS A 174 6.78 0.79 14.86
CA LYS A 174 5.93 -0.15 15.65
C LYS A 174 6.82 -1.16 16.35
N LEU A 175 7.79 -1.69 15.62
CA LEU A 175 8.77 -2.72 16.08
C LEU A 175 10.18 -2.30 15.65
N SER A 176 11.19 -3.05 16.04
CA SER A 176 12.59 -2.78 15.63
C SER A 176 13.26 -4.09 15.25
N GLY A 177 14.35 -4.01 14.51
CA GLY A 177 15.25 -5.13 14.21
C GLY A 177 14.54 -6.26 13.51
N ASP A 178 14.82 -7.50 13.92
CA ASP A 178 14.28 -8.72 13.27
C ASP A 178 12.77 -8.85 13.56
N ASP A 179 12.27 -8.27 14.64
CA ASP A 179 10.81 -8.19 14.87
C ASP A 179 10.16 -7.41 13.72
N ALA A 180 10.69 -6.22 13.43
CA ALA A 180 10.22 -5.33 12.37
C ALA A 180 10.41 -6.03 11.03
N ALA A 181 11.48 -6.82 10.85
CA ALA A 181 11.69 -7.60 9.61
C ALA A 181 10.51 -8.56 9.41
N GLN A 182 10.06 -9.27 10.44
CA GLN A 182 8.95 -10.26 10.26
C GLN A 182 7.65 -9.52 9.92
N PHE A 183 7.40 -8.38 10.57
CA PHE A 183 6.27 -7.47 10.30
C PHE A 183 6.24 -7.11 8.81
N ARG A 184 7.37 -6.67 8.28
CA ARG A 184 7.50 -6.27 6.87
C ARG A 184 7.30 -7.51 5.97
N ARG A 185 7.79 -8.68 6.34
CA ARG A 185 7.67 -9.91 5.53
C ARG A 185 6.19 -10.26 5.42
N CYS A 186 5.44 -10.12 6.52
CA CYS A 186 4.03 -10.55 6.61
C CYS A 186 3.16 -9.61 5.80
N ILE A 187 3.48 -8.32 5.77
CA ILE A 187 2.83 -7.36 4.83
C ILE A 187 3.11 -7.75 3.38
N ARG A 188 4.35 -8.08 3.03
CA ARG A 188 4.68 -8.49 1.63
C ARG A 188 3.93 -9.79 1.30
N TYR A 189 3.84 -10.74 2.24
CA TYR A 189 3.16 -12.04 1.99
C TYR A 189 1.73 -11.75 1.59
N LEU A 190 1.05 -10.89 2.36
CA LEU A 190 -0.37 -10.56 2.10
C LEU A 190 -0.49 -9.81 0.77
N LYS A 191 0.50 -9.01 0.41
CA LYS A 191 0.40 -8.28 -0.88
C LYS A 191 0.55 -9.25 -2.05
N ARG A 192 1.37 -10.31 -1.94
CA ARG A 192 1.52 -11.28 -3.05
C ARG A 192 0.23 -12.11 -3.14
N TRP A 193 -0.32 -12.51 -1.99
CA TRP A 193 -1.65 -13.19 -1.88
C TRP A 193 -2.69 -12.34 -2.58
N ARG A 194 -2.72 -11.05 -2.27
CA ARG A 194 -3.66 -10.08 -2.88
C ARG A 194 -3.51 -10.15 -4.41
N ASP A 195 -2.29 -10.04 -4.91
CA ASP A 195 -2.01 -10.00 -6.35
C ASP A 195 -2.37 -11.33 -7.01
N PHE A 196 -2.10 -12.46 -6.34
CA PHE A 196 -2.40 -13.80 -6.90
C PHE A 196 -3.93 -14.07 -6.92
N ARG A 197 -4.64 -13.73 -5.87
CA ARG A 197 -6.04 -14.21 -5.65
C ARG A 197 -7.05 -13.10 -5.91
N PHE A 198 -6.63 -11.89 -6.26
CA PHE A 198 -7.57 -10.79 -6.59
C PHE A 198 -7.25 -10.20 -7.98
N SER A 199 -6.78 -11.03 -8.92
CA SER A 199 -6.44 -10.66 -10.32
C SER A 199 -7.67 -10.66 -11.24
N SER A 200 -8.77 -11.36 -10.89
CA SER A 200 -10.03 -11.36 -11.69
C SER A 200 -10.70 -9.99 -11.68
N ASP A 201 -10.62 -9.27 -10.55
CA ASP A 201 -11.28 -7.97 -10.33
C ASP A 201 -10.35 -7.07 -9.50
N GLY A 202 -9.50 -6.27 -10.17
CA GLY A 202 -8.52 -5.34 -9.53
C GLY A 202 -9.19 -4.40 -8.52
N ASN A 203 -10.43 -3.97 -8.76
CA ASN A 203 -11.13 -2.98 -7.90
C ASN A 203 -11.60 -3.64 -6.59
N ALA A 204 -11.66 -4.97 -6.54
CA ALA A 204 -12.08 -5.74 -5.36
C ALA A 204 -10.87 -6.04 -4.46
N ALA A 205 -9.64 -5.75 -4.91
CA ALA A 205 -8.38 -6.14 -4.21
C ALA A 205 -8.20 -5.25 -2.98
N PRO A 206 -7.91 -5.80 -1.79
CA PRO A 206 -7.54 -4.96 -0.65
C PRO A 206 -6.32 -4.07 -0.97
N LEU A 207 -6.49 -2.75 -0.88
CA LEU A 207 -5.39 -1.76 -1.08
C LEU A 207 -4.19 -2.13 -0.19
N GLY A 208 -2.97 -2.00 -0.72
CA GLY A 208 -1.71 -2.14 0.02
C GLY A 208 -1.78 -1.40 1.35
N ILE A 209 -2.24 -0.15 1.33
CA ILE A 209 -2.22 0.71 2.56
C ILE A 209 -3.16 0.12 3.60
N GLY A 210 -4.24 -0.55 3.16
CA GLY A 210 -5.20 -1.24 4.05
C GLY A 210 -4.54 -2.43 4.74
N LEU A 211 -3.81 -3.25 3.98
CA LEU A 211 -3.10 -4.41 4.54
C LEU A 211 -2.01 -3.91 5.52
N THR A 212 -1.41 -2.77 5.23
CA THR A 212 -0.29 -2.21 6.00
C THR A 212 -0.85 -1.63 7.30
N ALA A 213 -1.94 -0.90 7.21
CA ALA A 213 -2.63 -0.35 8.38
C ALA A 213 -3.17 -1.49 9.23
N ALA A 214 -3.69 -2.56 8.62
CA ALA A 214 -4.20 -3.73 9.36
C ALA A 214 -3.04 -4.35 10.15
N ALA A 215 -1.86 -4.49 9.53
CA ALA A 215 -0.68 -5.05 10.21
C ALA A 215 -0.28 -4.12 11.37
N TYR A 216 -0.38 -2.79 11.19
CA TYR A 216 -0.05 -1.82 12.25
C TYR A 216 -0.92 -2.10 13.48
N TRP A 217 -2.22 -2.32 13.29
CA TRP A 217 -3.16 -2.53 14.43
C TRP A 217 -2.96 -3.91 15.04
N TRP A 218 -2.72 -4.94 14.24
CA TRP A 218 -3.05 -6.33 14.64
C TRP A 218 -1.89 -7.30 14.50
N PHE A 219 -0.81 -7.00 13.79
CA PHE A 219 0.33 -7.94 13.69
C PHE A 219 0.97 -8.14 15.07
N GLN A 220 1.22 -9.39 15.42
CA GLN A 220 2.04 -9.78 16.60
C GLN A 220 3.23 -10.61 16.14
N VAL A 221 4.41 -10.34 16.68
CA VAL A 221 5.63 -11.15 16.40
C VAL A 221 5.39 -12.60 16.85
N SER A 222 5.89 -13.57 16.09
CA SER A 222 5.99 -14.99 16.55
C SER A 222 7.44 -15.46 16.44
N LYS A 223 8.04 -15.78 17.56
CA LYS A 223 9.45 -16.21 17.60
C LYS A 223 9.66 -17.11 18.82
N ARG A 224 10.72 -17.88 18.81
CA ARG A 224 11.04 -18.81 19.92
C ARG A 224 12.52 -18.70 20.24
N THR A 225 12.83 -18.69 21.55
CA THR A 225 14.17 -18.56 22.13
C THR A 225 14.57 -19.92 22.66
N ASP A 226 15.45 -20.62 21.94
CA ASP A 226 16.01 -21.92 22.39
C ASP A 226 16.45 -21.80 23.85
N PRO A 227 16.04 -22.74 24.75
CA PRO A 227 16.34 -22.61 26.17
C PRO A 227 17.83 -22.83 26.54
N VAL A 228 18.65 -23.30 25.61
CA VAL A 228 20.10 -23.60 25.82
C VAL A 228 20.93 -22.46 25.24
N SER A 229 20.77 -22.19 23.94
CA SER A 229 21.63 -21.26 23.16
C SER A 229 21.15 -19.81 23.33
N GLN A 230 19.89 -19.62 23.75
CA GLN A 230 19.17 -18.31 23.73
C GLN A 230 18.96 -17.86 22.26
N ASN A 231 19.17 -18.76 21.29
CA ASN A 231 19.14 -18.52 19.81
C ASN A 231 17.70 -18.31 19.30
N VAL A 232 17.39 -17.17 18.65
CA VAL A 232 15.97 -16.78 18.36
C VAL A 232 15.64 -17.21 16.93
N THR A 233 14.53 -17.93 16.77
CA THR A 233 14.00 -18.40 15.45
C THR A 233 12.58 -17.85 15.29
N TYR A 234 12.29 -17.29 14.12
CA TYR A 234 10.99 -16.68 13.79
C TYR A 234 10.08 -17.76 13.19
N ASP A 235 8.80 -17.60 13.46
CA ASP A 235 7.73 -18.47 12.92
C ASP A 235 6.76 -17.60 12.14
N ASP A 236 7.06 -17.36 10.86
CA ASP A 236 6.23 -16.54 9.94
C ASP A 236 4.87 -17.20 9.73
N ARG A 237 4.84 -18.53 9.58
CA ARG A 237 3.55 -19.24 9.37
C ARG A 237 2.63 -18.93 10.56
N ASP A 238 3.11 -19.07 11.80
CA ASP A 238 2.32 -18.79 13.02
C ASP A 238 1.98 -17.29 13.10
N ALA A 239 2.93 -16.40 12.83
CA ALA A 239 2.69 -14.94 12.88
C ALA A 239 1.55 -14.60 11.90
N LEU A 240 1.59 -15.15 10.69
CA LEU A 240 0.56 -14.89 9.67
C LEU A 240 -0.78 -15.49 10.14
N GLU A 241 -0.79 -16.70 10.68
CA GLU A 241 -2.03 -17.36 11.19
C GLU A 241 -2.69 -16.44 12.22
N GLN A 242 -1.92 -15.95 13.20
CA GLN A 242 -2.45 -15.08 14.29
C GLN A 242 -2.98 -13.78 13.70
N PHE A 243 -2.24 -13.18 12.78
CA PHE A 243 -2.61 -11.89 12.15
C PHE A 243 -3.86 -12.09 11.28
N VAL A 244 -3.93 -13.17 10.50
CA VAL A 244 -5.10 -13.40 9.61
C VAL A 244 -6.34 -13.68 10.49
N GLN A 245 -6.19 -14.49 11.53
CA GLN A 245 -7.29 -14.75 12.49
C GLN A 245 -7.76 -13.42 13.10
N THR A 246 -6.87 -12.54 13.52
CA THR A 246 -7.26 -11.25 14.14
C THR A 246 -7.98 -10.37 13.11
N MET A 247 -7.55 -10.34 11.85
CA MET A 247 -8.30 -9.59 10.79
C MET A 247 -9.72 -10.15 10.66
N LEU A 248 -9.88 -11.47 10.60
CA LEU A 248 -11.19 -12.14 10.49
C LEU A 248 -12.07 -11.77 11.67
N ASP A 249 -11.52 -11.77 12.90
CA ASP A 249 -12.26 -11.43 14.15
C ASP A 249 -12.78 -9.99 14.11
N ASN A 250 -12.22 -9.15 13.25
CA ASN A 250 -12.56 -7.72 13.19
C ASN A 250 -13.53 -7.42 12.05
N PHE A 251 -13.98 -8.42 11.29
CA PHE A 251 -15.11 -8.25 10.36
C PHE A 251 -16.41 -8.15 11.17
N HIS A 252 -17.30 -7.25 10.75
CA HIS A 252 -18.62 -6.97 11.35
C HIS A 252 -19.71 -7.01 10.27
N ASP A 253 -20.76 -7.78 10.48
CA ASP A 253 -21.95 -7.82 9.60
C ASP A 253 -22.57 -6.43 9.61
N THR A 254 -22.75 -5.87 8.44
CA THR A 254 -23.16 -4.47 8.25
C THR A 254 -24.38 -4.46 7.36
N TRP A 255 -25.48 -3.94 7.88
CA TRP A 255 -26.78 -3.90 7.19
C TRP A 255 -26.66 -2.99 5.97
N ASP A 256 -27.21 -3.42 4.86
CA ASP A 256 -27.38 -2.57 3.67
C ASP A 256 -28.88 -2.47 3.36
N SER A 257 -29.44 -1.28 3.50
CA SER A 257 -30.89 -1.05 3.36
C SER A 257 -31.32 -1.30 1.90
N LYS A 258 -30.47 -1.00 0.90
CA LYS A 258 -30.79 -1.23 -0.54
C LYS A 258 -31.03 -2.73 -0.80
N ASP A 259 -30.05 -3.57 -0.46
CA ASP A 259 -30.05 -5.02 -0.76
C ASP A 259 -30.83 -5.80 0.32
N GLN A 260 -31.23 -5.14 1.40
CA GLN A 260 -32.00 -5.78 2.50
C GLN A 260 -31.26 -7.02 3.01
N ARG A 261 -29.96 -6.91 3.22
CA ARG A 261 -29.11 -7.98 3.82
C ARG A 261 -27.90 -7.34 4.50
N SER A 262 -27.12 -8.12 5.22
CA SER A 262 -25.82 -7.67 5.77
C SER A 262 -24.68 -8.18 4.89
N TYR A 263 -23.59 -7.45 4.88
CA TYR A 263 -22.29 -7.89 4.33
C TYR A 263 -21.27 -7.77 5.43
N PRO A 264 -20.33 -8.73 5.52
CA PRO A 264 -19.22 -8.63 6.47
C PRO A 264 -18.23 -7.53 6.07
N ARG A 265 -18.00 -6.53 6.92
CA ARG A 265 -17.09 -5.40 6.60
C ARG A 265 -15.94 -5.38 7.59
N LEU A 266 -14.72 -5.23 7.05
CA LEU A 266 -13.50 -4.94 7.81
C LEU A 266 -13.23 -3.45 7.73
N THR A 267 -13.35 -2.75 8.87
CA THR A 267 -13.00 -1.31 8.98
C THR A 267 -11.53 -1.20 9.47
N VAL A 268 -10.69 -0.51 8.72
CA VAL A 268 -9.26 -0.27 9.11
C VAL A 268 -9.02 1.23 9.06
N GLU A 269 -9.10 1.88 10.21
CA GLU A 269 -8.81 3.33 10.36
C GLU A 269 -7.33 3.55 10.08
N LEU A 270 -7.01 4.59 9.33
CA LEU A 270 -5.63 5.11 9.35
C LEU A 270 -5.30 5.50 10.79
N PRO A 271 -4.09 5.17 11.31
CA PRO A 271 -3.71 5.57 12.68
C PRO A 271 -3.31 7.04 12.79
N VAL A 272 -3.32 7.79 11.69
CA VAL A 272 -2.98 9.23 11.66
C VAL A 272 -4.10 9.95 10.90
N GLN A 273 -4.09 11.27 10.88
CA GLN A 273 -5.06 12.10 10.12
C GLN A 273 -5.04 11.63 8.68
N PRO A 274 -6.20 11.52 8.00
CA PRO A 274 -7.50 11.85 8.57
C PRO A 274 -8.29 10.73 9.25
N TYR A 275 -7.63 9.64 9.68
CA TYR A 275 -8.23 8.57 10.53
C TYR A 275 -9.40 7.90 9.79
N ASN A 276 -9.37 7.94 8.46
CA ASN A 276 -10.43 7.35 7.62
C ASN A 276 -10.25 5.83 7.55
N ASP A 277 -11.34 5.13 7.26
CA ASP A 277 -11.38 3.70 6.91
C ASP A 277 -10.81 3.55 5.50
N VAL A 278 -9.60 3.02 5.39
CA VAL A 278 -8.92 2.93 4.07
C VAL A 278 -9.61 1.85 3.18
N PHE A 279 -10.48 1.01 3.75
CA PHE A 279 -11.28 0.01 3.00
C PHE A 279 -12.70 0.50 2.68
N GLU A 280 -13.02 1.77 2.92
CA GLU A 280 -14.42 2.28 2.82
C GLU A 280 -14.95 2.12 1.39
N LYS A 281 -14.10 2.18 0.36
CA LYS A 281 -14.58 2.13 -1.06
C LYS A 281 -14.88 0.68 -1.48
N MET A 282 -14.41 -0.33 -0.75
CA MET A 282 -14.71 -1.75 -1.08
C MET A 282 -16.20 -2.00 -0.81
N THR A 283 -16.91 -2.61 -1.76
CA THR A 283 -18.36 -2.88 -1.65
C THR A 283 -18.57 -4.04 -0.67
N GLY A 284 -19.80 -4.20 -0.18
CA GLY A 284 -20.18 -5.32 0.69
C GLY A 284 -19.88 -6.66 0.05
N MET A 285 -20.14 -6.81 -1.25
CA MET A 285 -19.93 -8.09 -1.97
C MET A 285 -18.42 -8.36 -2.08
N GLN A 286 -17.64 -7.33 -2.39
CA GLN A 286 -16.16 -7.37 -2.43
C GLN A 286 -15.64 -7.71 -1.03
N MET A 287 -16.25 -7.18 0.03
CA MET A 287 -15.85 -7.48 1.43
C MET A 287 -16.12 -8.96 1.75
N GLU A 288 -17.27 -9.49 1.34
CA GLU A 288 -17.63 -10.91 1.58
C GLU A 288 -16.62 -11.82 0.86
N SER A 289 -16.22 -11.47 -0.35
CA SER A 289 -15.24 -12.27 -1.14
C SER A 289 -13.87 -12.17 -0.45
N PHE A 290 -13.52 -10.99 0.02
CA PHE A 290 -12.25 -10.73 0.75
C PHE A 290 -12.21 -11.62 1.99
N LYS A 291 -13.30 -11.63 2.76
CA LYS A 291 -13.43 -12.45 4.00
C LYS A 291 -13.30 -13.96 3.68
N SER A 292 -14.00 -14.47 2.66
CA SER A 292 -13.94 -15.90 2.29
C SER A 292 -12.51 -16.31 1.92
N LYS A 293 -11.80 -15.47 1.16
CA LYS A 293 -10.43 -15.79 0.73
C LYS A 293 -9.48 -15.70 1.92
N LEU A 294 -9.72 -14.78 2.84
CA LEU A 294 -8.90 -14.66 4.09
C LEU A 294 -9.11 -15.93 4.94
N GLN A 295 -10.35 -16.39 5.05
CA GLN A 295 -10.69 -17.64 5.77
C GLN A 295 -9.98 -18.85 5.13
N ALA A 296 -10.00 -18.94 3.81
CA ALA A 296 -9.33 -19.99 3.02
C ALA A 296 -7.81 -19.94 3.29
N LEU A 297 -7.23 -18.75 3.36
CA LEU A 297 -5.79 -18.59 3.69
C LEU A 297 -5.56 -19.06 5.12
N LEU A 298 -6.40 -18.64 6.07
CA LEU A 298 -6.27 -19.06 7.48
C LEU A 298 -6.27 -20.58 7.53
N ASN A 299 -7.20 -21.23 6.83
CA ASN A 299 -7.31 -22.71 6.85
C ASN A 299 -6.04 -23.34 6.27
N ALA A 300 -5.48 -22.78 5.21
CA ALA A 300 -4.25 -23.29 4.60
C ALA A 300 -3.09 -23.12 5.60
N LEU A 301 -2.99 -21.98 6.28
CA LEU A 301 -1.93 -21.75 7.30
C LEU A 301 -2.01 -22.81 8.43
N LYS A 302 -3.21 -23.20 8.85
CA LYS A 302 -3.39 -24.26 9.89
C LYS A 302 -3.04 -25.64 9.32
N THR A 303 -3.52 -25.95 8.13
CA THR A 303 -3.16 -27.20 7.41
C THR A 303 -1.64 -27.33 7.36
N ALA A 304 -0.92 -26.26 6.96
CA ALA A 304 0.55 -26.26 6.78
C ALA A 304 1.28 -26.57 8.11
N LYS A 305 0.57 -26.43 9.23
CA LYS A 305 1.11 -26.74 10.58
C LYS A 305 1.08 -28.26 10.80
N SER A 306 0.00 -28.93 10.38
CA SER A 306 -0.33 -30.31 10.78
C SER A 306 0.24 -31.37 9.81
N ARG A 307 0.73 -30.99 8.62
CA ARG A 307 1.06 -31.96 7.53
C ARG A 307 2.28 -32.81 7.90
N LEU A 308 2.21 -34.12 7.63
CA LEU A 308 3.35 -35.06 7.79
C LEU A 308 4.45 -34.69 6.78
N GLU A 309 4.06 -34.44 5.54
CA GLU A 309 4.96 -34.22 4.39
C GLU A 309 5.14 -32.70 4.21
N LEU A 310 6.39 -32.21 4.17
CA LEU A 310 6.71 -30.78 3.93
C LEU A 310 6.14 -30.38 2.56
N HIS A 311 6.17 -31.31 1.58
CA HIS A 311 5.54 -31.12 0.25
C HIS A 311 4.10 -30.64 0.42
N ASP A 312 3.33 -31.37 1.21
CA ASP A 312 1.87 -31.13 1.35
C ASP A 312 1.64 -29.82 2.12
N ALA A 313 2.47 -29.52 3.12
CA ALA A 313 2.42 -28.22 3.84
C ALA A 313 2.65 -27.07 2.85
N CYS A 314 3.70 -27.15 2.04
CA CYS A 314 4.09 -26.07 1.13
C CYS A 314 3.05 -25.94 0.03
N LYS A 315 2.57 -27.05 -0.51
CA LYS A 315 1.59 -27.05 -1.61
C LYS A 315 0.33 -26.32 -1.14
N ALA A 316 -0.10 -26.57 0.10
CA ALA A 316 -1.32 -25.93 0.65
C ALA A 316 -1.10 -24.41 0.67
N LEU A 317 0.12 -23.97 0.97
CA LEU A 317 0.37 -22.50 1.01
C LEU A 317 0.49 -21.96 -0.41
N ALA A 318 1.13 -22.69 -1.33
CA ALA A 318 1.33 -22.24 -2.74
C ALA A 318 -0.03 -21.97 -3.41
N ASP A 319 -1.04 -22.73 -3.04
CA ASP A 319 -2.42 -22.54 -3.57
C ASP A 319 -2.95 -21.14 -3.27
N HIS A 320 -2.44 -20.46 -2.21
CA HIS A 320 -2.84 -19.08 -1.81
C HIS A 320 -1.78 -18.04 -2.19
N PHE A 321 -0.50 -18.42 -2.29
CA PHE A 321 0.62 -17.46 -2.46
C PHE A 321 1.12 -17.45 -3.90
N GLY A 322 0.85 -18.51 -4.67
CA GLY A 322 1.20 -18.53 -6.10
C GLY A 322 2.55 -19.20 -6.36
N SER A 323 3.09 -18.95 -7.53
CA SER A 323 4.14 -19.78 -8.18
C SER A 323 5.51 -19.59 -7.52
N GLU A 324 5.72 -18.52 -6.74
CA GLU A 324 7.01 -18.20 -6.06
C GLU A 324 7.10 -18.93 -4.72
N PHE A 325 6.02 -19.51 -4.22
CA PHE A 325 6.09 -20.23 -2.94
C PHE A 325 6.70 -21.60 -3.20
N PRO A 326 7.92 -21.90 -2.65
CA PRO A 326 8.59 -23.17 -2.96
C PRO A 326 7.77 -24.38 -2.51
N VAL A 327 7.71 -25.40 -3.36
CA VAL A 327 7.10 -26.71 -3.01
C VAL A 327 8.15 -27.80 -3.15
N PRO A 328 8.84 -28.17 -2.06
CA PRO A 328 9.75 -29.30 -2.08
C PRO A 328 9.07 -30.59 -2.57
N GLU A 329 9.81 -31.37 -3.35
CA GLU A 329 9.40 -32.64 -4.00
C GLU A 329 9.19 -33.67 -2.90
N LYS A 330 8.13 -34.48 -2.97
CA LYS A 330 7.82 -35.53 -1.96
C LYS A 330 8.78 -36.72 -2.17
#